data_3LLQ
#
_entry.id   3LLQ
#
_cell.length_a   90.500
_cell.length_b   102.231
_cell.length_c   148.734
_cell.angle_alpha   90.00
_cell.angle_beta   90.00
_cell.angle_gamma   90.00
#
_symmetry.space_group_name_H-M   'C 2 2 21'
#
loop_
_entity.id
_entity.type
_entity.pdbx_description
1 polymer 'Aquaporin Z 2'
2 water water
#
_entity_poly.entity_id   1
_entity_poly.type   'polypeptide(L)'
_entity_poly.pdbx_seq_one_letter_code
;MDYKDDDDKHHHHHHHHHHENLYFQSYVMGRKLLAEFFGTFWLVFGGCGSAVFAAAFPELGIGFTGVALAFGLTVLTMAY
AVGGISGGHFNPAVSVGLTVAGRFPASSLVPYVIAQVAGAIVAAAALYVIATGKAGIDLGGFASNGYGEHSPGGYSLVSA
LLIEIILTAFFLIVILGSTHGRVPAGFAPIAIGLALTLIHLISIPVTNTSVNPARSTGQALFVGGWALQQLWLFWLAPIV
GGAAGAVIWKLFGEKD
;
_entity_poly.pdbx_strand_id   A,B
#
# COMPACT_ATOMS: atom_id res chain seq x y z
N MET A 29 -13.90 1.68 -21.56
CA MET A 29 -12.42 1.54 -21.97
C MET A 29 -11.54 2.60 -21.31
N GLY A 30 -12.03 3.84 -21.27
CA GLY A 30 -11.36 4.90 -20.53
C GLY A 30 -11.32 4.52 -19.02
N ARG A 31 -12.40 3.94 -18.49
CA ARG A 31 -12.43 3.39 -17.14
C ARG A 31 -11.29 2.37 -16.93
N LYS A 32 -11.04 1.54 -17.93
CA LYS A 32 -10.03 0.45 -17.82
C LYS A 32 -8.63 1.03 -17.86
N LEU A 33 -8.42 2.08 -18.68
CA LEU A 33 -7.10 2.69 -18.75
C LEU A 33 -6.80 3.42 -17.40
N LEU A 34 -7.82 3.99 -16.75
CA LEU A 34 -7.64 4.75 -15.53
C LEU A 34 -7.33 3.71 -14.43
N ALA A 35 -8.01 2.55 -14.50
CA ALA A 35 -7.76 1.45 -13.52
C ALA A 35 -6.29 1.04 -13.59
N GLU A 36 -5.78 0.84 -14.81
CA GLU A 36 -4.36 0.48 -15.02
C GLU A 36 -3.42 1.54 -14.59
N PHE A 37 -3.84 2.78 -14.84
CA PHE A 37 -2.97 3.93 -14.50
C PHE A 37 -2.85 4.02 -12.94
N PHE A 38 -3.97 4.11 -12.29
CA PHE A 38 -3.94 4.18 -10.78
C PHE A 38 -3.26 2.93 -10.13
N GLY A 39 -3.56 1.77 -10.66
CA GLY A 39 -2.91 0.57 -10.23
C GLY A 39 -1.41 0.52 -10.36
N THR A 40 -0.86 0.89 -11.54
CA THR A 40 0.55 0.84 -11.67
C THR A 40 1.17 1.90 -10.86
N PHE A 41 0.50 3.08 -10.77
CA PHE A 41 1.00 4.14 -9.84
C PHE A 41 1.16 3.56 -8.42
N TRP A 42 0.10 2.93 -7.91
CA TRP A 42 0.14 2.35 -6.52
C TRP A 42 1.28 1.35 -6.38
N LEU A 43 1.45 0.49 -7.38
CA LEU A 43 2.52 -0.54 -7.39
C LEU A 43 3.89 0.10 -7.24
N VAL A 44 4.12 1.15 -8.01
CA VAL A 44 5.42 1.79 -7.91
C VAL A 44 5.53 2.73 -6.70
N PHE A 45 4.49 3.48 -6.39
CA PHE A 45 4.66 4.43 -5.32
C PHE A 45 4.81 3.57 -3.97
N GLY A 46 4.06 2.49 -3.89
CA GLY A 46 4.08 1.65 -2.63
C GLY A 46 5.36 0.83 -2.58
N GLY A 47 5.65 0.07 -3.63
CA GLY A 47 6.85 -0.73 -3.68
C GLY A 47 8.12 0.01 -3.67
N CYS A 48 8.32 0.91 -4.70
CA CYS A 48 9.52 1.72 -4.69
C CYS A 48 9.60 2.67 -3.55
N GLY A 49 8.48 3.24 -3.14
CA GLY A 49 8.56 4.23 -2.07
C GLY A 49 8.95 3.44 -0.75
N SER A 50 8.53 2.19 -0.61
CA SER A 50 8.97 1.42 0.67
C SER A 50 10.44 1.21 0.56
N ALA A 51 10.96 1.08 -0.68
CA ALA A 51 12.45 0.89 -0.86
C ALA A 51 13.25 2.15 -0.57
N VAL A 52 12.74 3.28 -1.10
CA VAL A 52 13.40 4.54 -0.90
C VAL A 52 13.34 5.05 0.53
N PHE A 53 12.16 5.00 1.14
CA PHE A 53 12.01 5.71 2.45
C PHE A 53 12.45 4.80 3.56
N ALA A 54 12.19 3.51 3.39
CA ALA A 54 12.15 2.62 4.65
C ALA A 54 13.12 1.45 4.70
N ALA A 55 13.57 0.96 3.56
CA ALA A 55 14.28 -0.35 3.53
C ALA A 55 15.57 -0.32 4.31
N ALA A 56 16.29 0.79 4.23
CA ALA A 56 17.57 0.89 4.90
C ALA A 56 17.54 1.84 6.10
N PHE A 57 16.38 2.26 6.54
CA PHE A 57 16.33 3.15 7.71
C PHE A 57 17.07 2.50 8.94
N PRO A 58 17.93 3.27 9.67
CA PRO A 58 18.83 2.64 10.68
C PRO A 58 18.03 1.99 11.79
N GLU A 59 18.45 0.82 12.19
CA GLU A 59 17.90 0.13 13.41
C GLU A 59 16.53 -0.43 13.12
N LEU A 60 15.62 0.32 12.48
CA LEU A 60 14.20 -0.08 12.46
C LEU A 60 13.72 -0.35 11.04
N GLY A 61 14.59 -0.19 10.05
CA GLY A 61 14.14 -0.30 8.63
C GLY A 61 13.64 -1.71 8.25
N ILE A 62 12.97 -1.78 7.13
CA ILE A 62 12.14 -2.92 6.77
C ILE A 62 12.88 -3.95 5.88
N GLY A 63 14.08 -3.63 5.38
CA GLY A 63 14.91 -4.68 4.73
C GLY A 63 14.28 -5.15 3.47
N PHE A 64 14.92 -6.17 2.85
CA PHE A 64 14.37 -6.73 1.57
C PHE A 64 12.96 -7.35 1.84
N THR A 65 12.78 -7.95 3.02
CA THR A 65 11.45 -8.55 3.34
C THR A 65 10.32 -7.54 3.30
N GLY A 66 10.56 -6.35 3.83
CA GLY A 66 9.48 -5.38 3.91
C GLY A 66 9.21 -4.79 2.51
N VAL A 67 10.24 -4.62 1.70
CA VAL A 67 10.01 -4.14 0.28
C VAL A 67 9.22 -5.24 -0.45
N ALA A 68 9.60 -6.52 -0.25
CA ALA A 68 8.90 -7.63 -0.92
C ALA A 68 7.50 -7.64 -0.52
N LEU A 69 7.22 -7.59 0.83
CA LEU A 69 5.82 -7.55 1.25
C LEU A 69 5.11 -6.29 0.59
N ALA A 70 5.73 -5.16 0.73
CA ALA A 70 5.15 -3.91 0.08
C ALA A 70 4.70 -4.18 -1.33
N PHE A 71 5.59 -4.66 -2.19
CA PHE A 71 5.21 -4.72 -3.60
C PHE A 71 4.06 -5.70 -3.81
N GLY A 72 4.10 -6.84 -3.09
CA GLY A 72 2.97 -7.78 -3.23
C GLY A 72 1.70 -7.17 -2.75
N LEU A 73 1.73 -6.38 -1.70
CA LEU A 73 0.46 -5.83 -1.14
C LEU A 73 -0.07 -4.68 -2.14
N THR A 74 0.81 -4.02 -2.89
CA THR A 74 0.19 -2.99 -3.87
C THR A 74 -0.72 -3.74 -4.81
N VAL A 75 -0.34 -5.00 -5.22
CA VAL A 75 -1.07 -5.75 -6.23
C VAL A 75 -2.22 -6.37 -5.63
N LEU A 76 -2.05 -6.97 -4.37
CA LEU A 76 -3.22 -7.52 -3.79
C LEU A 76 -4.29 -6.47 -3.59
N THR A 77 -3.93 -5.29 -3.08
CA THR A 77 -4.93 -4.33 -2.73
C THR A 77 -5.61 -3.69 -3.96
N MET A 78 -4.80 -3.31 -4.97
CA MET A 78 -5.48 -2.71 -6.18
C MET A 78 -6.12 -3.81 -7.07
N ALA A 79 -5.67 -5.07 -6.92
CA ALA A 79 -6.36 -6.14 -7.66
C ALA A 79 -7.79 -6.29 -7.10
N TYR A 80 -7.91 -6.25 -5.79
CA TYR A 80 -9.28 -6.21 -5.22
C TYR A 80 -10.00 -4.88 -5.65
N ALA A 81 -9.34 -3.74 -5.55
CA ALA A 81 -10.08 -2.41 -5.77
C ALA A 81 -10.49 -2.21 -7.24
N VAL A 82 -9.59 -2.52 -8.19
CA VAL A 82 -9.92 -2.25 -9.65
C VAL A 82 -9.74 -3.44 -10.59
N GLY A 83 -9.33 -4.62 -10.07
CA GLY A 83 -9.16 -5.73 -10.97
C GLY A 83 -10.41 -6.13 -11.67
N GLY A 84 -11.56 -5.92 -11.05
CA GLY A 84 -12.79 -6.34 -11.67
C GLY A 84 -13.22 -5.31 -12.72
N ILE A 85 -12.41 -4.27 -12.93
CA ILE A 85 -12.73 -3.23 -13.90
C ILE A 85 -11.86 -3.42 -15.17
N SER A 86 -10.53 -3.41 -15.00
CA SER A 86 -9.66 -3.61 -16.11
C SER A 86 -9.06 -5.01 -16.24
N GLY A 87 -9.25 -5.92 -15.21
CA GLY A 87 -8.45 -7.13 -15.22
C GLY A 87 -7.23 -7.01 -14.27
N GLY A 88 -6.88 -5.77 -13.89
CA GLY A 88 -5.78 -5.47 -13.00
C GLY A 88 -4.42 -6.01 -13.35
N HIS A 89 -3.91 -5.67 -14.54
CA HIS A 89 -2.64 -6.11 -14.99
C HIS A 89 -1.48 -5.36 -14.29
N PHE A 90 -1.51 -4.00 -14.38
CA PHE A 90 -0.51 -3.14 -13.69
C PHE A 90 0.90 -3.45 -14.14
N ASN A 91 1.06 -3.94 -15.38
CA ASN A 91 2.34 -4.56 -15.74
C ASN A 91 2.33 -5.04 -17.18
N PRO A 92 3.16 -4.44 -18.07
CA PRO A 92 3.12 -4.72 -19.52
C PRO A 92 3.33 -6.19 -19.82
N ALA A 93 4.13 -6.87 -19.00
CA ALA A 93 4.44 -8.24 -19.26
C ALA A 93 3.29 -9.15 -18.90
N VAL A 94 2.48 -8.72 -17.92
CA VAL A 94 1.20 -9.38 -17.69
C VAL A 94 0.21 -9.23 -18.87
N SER A 95 0.07 -7.99 -19.35
CA SER A 95 -0.83 -7.73 -20.51
C SER A 95 -0.38 -8.59 -21.68
N VAL A 96 0.92 -8.69 -21.94
CA VAL A 96 1.43 -9.51 -23.04
C VAL A 96 1.10 -10.98 -22.81
N GLY A 97 1.32 -11.47 -21.58
CA GLY A 97 1.11 -12.91 -21.27
C GLY A 97 -0.35 -13.31 -21.35
N LEU A 98 -1.23 -12.47 -20.83
CA LEU A 98 -2.62 -12.72 -20.93
C LEU A 98 -3.08 -12.60 -22.46
N THR A 99 -2.43 -11.75 -23.25
CA THR A 99 -2.78 -11.74 -24.72
C THR A 99 -2.35 -13.06 -25.38
N VAL A 100 -1.11 -13.49 -25.12
CA VAL A 100 -0.60 -14.75 -25.67
C VAL A 100 -1.46 -15.91 -25.17
N ALA A 101 -2.07 -15.79 -23.99
CA ALA A 101 -2.88 -16.92 -23.48
C ALA A 101 -4.28 -16.87 -24.08
N GLY A 102 -4.59 -15.83 -24.86
CA GLY A 102 -5.95 -15.69 -25.38
C GLY A 102 -6.96 -15.26 -24.34
N ARG A 103 -6.51 -14.74 -23.20
CA ARG A 103 -7.42 -14.17 -22.18
C ARG A 103 -7.81 -12.72 -22.44
N PHE A 104 -7.07 -12.04 -23.33
CA PHE A 104 -7.13 -10.59 -23.39
C PHE A 104 -6.88 -10.14 -24.87
N PRO A 105 -7.71 -9.22 -25.39
CA PRO A 105 -7.64 -8.85 -26.85
C PRO A 105 -6.37 -8.10 -27.18
N ALA A 106 -5.66 -8.56 -28.20
CA ALA A 106 -4.40 -7.94 -28.56
C ALA A 106 -4.65 -6.45 -28.85
N SER A 107 -5.88 -6.08 -29.24
CA SER A 107 -6.17 -4.68 -29.56
C SER A 107 -6.13 -3.74 -28.34
N SER A 108 -6.12 -4.28 -27.11
CA SER A 108 -6.01 -3.42 -25.92
C SER A 108 -4.63 -3.35 -25.37
N LEU A 109 -3.73 -4.13 -25.96
CA LEU A 109 -2.40 -4.25 -25.42
C LEU A 109 -1.68 -2.92 -25.32
N VAL A 110 -1.55 -2.24 -26.46
CA VAL A 110 -0.78 -0.99 -26.48
C VAL A 110 -1.31 0.10 -25.55
N PRO A 111 -2.63 0.38 -25.62
CA PRO A 111 -3.21 1.34 -24.70
C PRO A 111 -2.91 0.94 -23.25
N TYR A 112 -3.12 -0.34 -22.86
CA TYR A 112 -2.81 -0.75 -21.46
C TYR A 112 -1.36 -0.45 -21.17
N VAL A 113 -0.45 -0.75 -22.12
CA VAL A 113 0.99 -0.55 -21.83
C VAL A 113 1.30 0.92 -21.61
N ILE A 114 0.61 1.80 -22.36
CA ILE A 114 0.79 3.26 -22.20
C ILE A 114 0.26 3.77 -20.86
N ALA A 115 -0.91 3.29 -20.49
CA ALA A 115 -1.52 3.69 -19.18
C ALA A 115 -0.61 3.26 -17.99
N GLN A 116 0.00 2.09 -18.17
CA GLN A 116 0.83 1.47 -17.10
C GLN A 116 2.14 2.24 -16.93
N VAL A 117 2.83 2.51 -18.05
CA VAL A 117 4.09 3.21 -18.04
C VAL A 117 3.88 4.65 -17.57
N ALA A 118 2.73 5.23 -17.86
CA ALA A 118 2.37 6.56 -17.40
C ALA A 118 2.17 6.60 -15.88
N GLY A 119 1.45 5.62 -15.34
CA GLY A 119 1.32 5.51 -13.82
C GLY A 119 2.66 5.38 -13.18
N ALA A 120 3.55 4.56 -13.73
CA ALA A 120 4.88 4.36 -13.12
C ALA A 120 5.69 5.64 -13.07
N ILE A 121 5.67 6.36 -14.22
CA ILE A 121 6.39 7.64 -14.34
C ILE A 121 5.83 8.70 -13.42
N VAL A 122 4.50 8.80 -13.34
CA VAL A 122 3.91 9.76 -12.42
C VAL A 122 4.22 9.33 -10.97
N ALA A 123 4.20 8.04 -10.65
CA ALA A 123 4.58 7.64 -9.26
C ALA A 123 6.01 7.96 -8.98
N ALA A 124 6.93 7.67 -9.94
CA ALA A 124 8.36 7.93 -9.75
C ALA A 124 8.58 9.37 -9.41
N ALA A 125 7.82 10.25 -10.09
CA ALA A 125 7.92 11.72 -9.90
C ALA A 125 7.37 12.18 -8.55
N ALA A 126 6.29 11.54 -8.08
CA ALA A 126 5.72 11.95 -6.80
C ALA A 126 6.72 11.51 -5.71
N LEU A 127 7.23 10.29 -5.81
CA LEU A 127 8.27 9.80 -4.91
C LEU A 127 9.49 10.74 -4.94
N TYR A 128 9.87 11.18 -6.17
CA TYR A 128 11.00 12.10 -6.25
C TYR A 128 10.78 13.41 -5.48
N VAL A 129 9.64 14.04 -5.71
CA VAL A 129 9.29 15.28 -5.00
C VAL A 129 9.28 15.05 -3.51
N ILE A 130 8.69 13.92 -3.06
CA ILE A 130 8.60 13.69 -1.61
C ILE A 130 9.95 13.36 -0.99
N ALA A 131 10.73 12.50 -1.66
CA ALA A 131 12.07 12.09 -1.19
C ALA A 131 13.03 13.25 -0.94
N THR A 132 13.06 14.20 -1.88
CA THR A 132 13.95 15.31 -1.74
C THR A 132 13.46 16.32 -0.71
N GLY A 133 12.30 16.12 -0.11
CA GLY A 133 11.94 16.96 1.06
C GLY A 133 12.78 16.59 2.29
N LYS A 134 13.75 15.72 2.10
CA LYS A 134 14.69 15.40 3.16
C LYS A 134 16.01 15.98 2.73
N ALA A 135 16.46 16.94 3.54
CA ALA A 135 17.69 17.69 3.22
C ALA A 135 18.92 16.82 2.93
N GLY A 136 19.61 17.14 1.82
CA GLY A 136 20.87 16.46 1.47
C GLY A 136 20.79 14.92 1.34
N ILE A 137 19.61 14.44 0.93
CA ILE A 137 19.42 13.01 0.72
C ILE A 137 20.14 12.56 -0.55
N ASP A 138 20.70 11.36 -0.51
CA ASP A 138 21.24 10.79 -1.73
C ASP A 138 20.29 9.72 -2.26
N LEU A 139 19.64 10.00 -3.39
CA LEU A 139 18.64 9.06 -3.94
C LEU A 139 19.28 7.75 -4.42
N GLY A 140 20.54 7.85 -4.84
CA GLY A 140 21.29 6.68 -5.26
C GLY A 140 20.68 6.06 -6.49
N GLY A 141 20.51 4.73 -6.47
CA GLY A 141 19.86 4.02 -7.60
C GLY A 141 18.34 4.27 -7.69
N PHE A 142 17.79 4.88 -6.67
CA PHE A 142 16.38 5.25 -6.64
C PHE A 142 15.45 4.03 -7.01
N ALA A 143 15.82 2.84 -6.51
CA ALA A 143 15.06 1.62 -6.68
C ALA A 143 14.99 1.14 -8.11
N SER A 144 15.88 1.66 -8.96
CA SER A 144 16.03 1.15 -10.33
C SER A 144 16.52 -0.32 -10.33
N ASN A 145 16.05 -1.09 -11.28
CA ASN A 145 16.58 -2.45 -11.44
C ASN A 145 17.89 -2.40 -12.25
N GLY A 146 18.83 -3.28 -11.93
CA GLY A 146 20.09 -3.31 -12.69
C GLY A 146 20.73 -4.69 -12.65
N TYR A 147 21.83 -4.87 -13.38
CA TYR A 147 22.60 -6.13 -13.44
C TYR A 147 24.13 -5.82 -13.49
N GLY A 148 24.98 -6.84 -13.48
CA GLY A 148 26.43 -6.69 -13.29
C GLY A 148 26.83 -5.79 -12.12
N GLU A 149 27.48 -4.67 -12.45
CA GLU A 149 27.89 -3.70 -11.42
C GLU A 149 26.68 -3.06 -10.69
N HIS A 150 25.52 -3.09 -11.34
CA HIS A 150 24.37 -2.47 -10.71
C HIS A 150 23.36 -3.48 -10.16
N SER A 151 23.77 -4.75 -10.13
CA SER A 151 23.07 -5.77 -9.40
C SER A 151 23.49 -5.64 -7.94
N PRO A 152 22.54 -5.55 -7.02
CA PRO A 152 22.85 -5.46 -5.59
C PRO A 152 23.87 -6.50 -5.15
N GLY A 153 23.82 -7.67 -5.75
CA GLY A 153 24.71 -8.75 -5.30
C GLY A 153 25.79 -9.00 -6.35
N GLY A 154 25.86 -8.18 -7.41
CA GLY A 154 26.98 -8.33 -8.37
C GLY A 154 26.76 -9.53 -9.31
N TYR A 155 25.49 -9.93 -9.54
CA TYR A 155 25.19 -11.04 -10.44
C TYR A 155 25.27 -10.56 -11.88
N SER A 156 25.68 -11.45 -12.80
CA SER A 156 25.94 -11.07 -14.21
C SER A 156 24.67 -10.76 -14.98
N LEU A 157 24.84 -10.08 -16.11
CA LEU A 157 23.77 -9.89 -17.07
C LEU A 157 23.03 -11.22 -17.37
N VAL A 158 23.78 -12.31 -17.55
CA VAL A 158 23.14 -13.58 -17.86
C VAL A 158 22.26 -14.12 -16.67
N SER A 159 22.78 -14.03 -15.44
CA SER A 159 21.93 -14.32 -14.23
C SER A 159 20.65 -13.46 -14.21
N ALA A 160 20.82 -12.19 -14.47
CA ALA A 160 19.68 -11.26 -14.46
C ALA A 160 18.63 -11.70 -15.48
N LEU A 161 19.11 -12.04 -16.68
CA LEU A 161 18.23 -12.49 -17.76
C LEU A 161 17.44 -13.75 -17.41
N LEU A 162 18.12 -14.75 -16.92
CA LEU A 162 17.48 -16.00 -16.64
C LEU A 162 16.40 -15.92 -15.51
N ILE A 163 16.75 -15.24 -14.43
CA ILE A 163 15.91 -15.18 -13.25
C ILE A 163 14.69 -14.29 -13.57
N GLU A 164 14.86 -13.20 -14.38
CA GLU A 164 13.68 -12.41 -14.75
C GLU A 164 12.68 -13.14 -15.66
N ILE A 165 13.19 -13.93 -16.61
CA ILE A 165 12.38 -14.79 -17.42
C ILE A 165 11.70 -15.89 -16.55
N ILE A 166 12.45 -16.60 -15.79
CA ILE A 166 11.83 -17.68 -14.94
C ILE A 166 10.73 -17.12 -14.07
N LEU A 167 11.05 -16.16 -13.21
CA LEU A 167 10.07 -15.53 -12.26
C LEU A 167 8.85 -14.88 -12.97
N THR A 168 9.04 -14.19 -14.11
CA THR A 168 7.89 -13.62 -14.77
C THR A 168 7.00 -14.71 -15.37
N ALA A 169 7.62 -15.78 -15.90
CA ALA A 169 6.86 -16.88 -16.48
C ALA A 169 5.97 -17.49 -15.37
N PHE A 170 6.55 -17.76 -14.20
CA PHE A 170 5.75 -18.24 -13.07
C PHE A 170 4.69 -17.25 -12.55
N PHE A 171 4.98 -15.95 -12.67
CA PHE A 171 4.04 -14.95 -12.24
C PHE A 171 2.77 -15.17 -13.11
N LEU A 172 2.94 -15.38 -14.41
CA LEU A 172 1.79 -15.56 -15.32
C LEU A 172 1.10 -16.90 -15.05
N ILE A 173 1.89 -17.93 -14.83
CA ILE A 173 1.28 -19.24 -14.51
C ILE A 173 0.29 -19.00 -13.30
N VAL A 174 0.77 -18.40 -12.19
CA VAL A 174 -0.10 -18.07 -11.01
C VAL A 174 -1.32 -17.22 -11.37
N ILE A 175 -1.09 -16.13 -12.16
CA ILE A 175 -2.20 -15.27 -12.58
C ILE A 175 -3.22 -16.06 -13.42
N LEU A 176 -2.76 -16.74 -14.48
CA LEU A 176 -3.66 -17.52 -15.38
C LEU A 176 -4.33 -18.67 -14.49
N GLY A 177 -3.53 -19.40 -13.77
CA GLY A 177 -4.14 -20.49 -12.84
C GLY A 177 -5.17 -19.96 -11.88
N SER A 178 -4.86 -18.87 -11.15
CA SER A 178 -5.69 -18.45 -10.01
C SER A 178 -6.96 -17.73 -10.49
N THR A 179 -6.96 -17.18 -11.77
CA THR A 179 -8.16 -16.56 -12.34
C THR A 179 -8.93 -17.57 -13.25
N HIS A 180 -8.54 -18.84 -13.30
CA HIS A 180 -9.27 -19.83 -14.08
C HIS A 180 -10.61 -20.13 -13.45
N GLY A 181 -11.57 -20.61 -14.25
CA GLY A 181 -12.91 -20.84 -13.75
C GLY A 181 -12.92 -21.96 -12.68
N ARG A 182 -11.88 -22.78 -12.63
CA ARG A 182 -11.88 -23.88 -11.66
C ARG A 182 -11.54 -23.33 -10.27
N VAL A 183 -11.15 -22.05 -10.20
CA VAL A 183 -10.85 -21.42 -8.91
C VAL A 183 -11.95 -20.48 -8.54
N PRO A 184 -12.45 -20.61 -7.32
CA PRO A 184 -13.56 -19.73 -6.91
C PRO A 184 -13.16 -18.30 -6.94
N ALA A 185 -14.11 -17.45 -7.32
CA ALA A 185 -13.87 -16.01 -7.44
C ALA A 185 -13.46 -15.38 -6.08
N GLY A 186 -12.58 -14.40 -6.19
CA GLY A 186 -12.20 -13.54 -5.12
C GLY A 186 -10.82 -13.85 -4.58
N PHE A 187 -10.30 -15.04 -4.81
CA PHE A 187 -9.00 -15.44 -4.20
C PHE A 187 -7.83 -15.01 -5.01
N ALA A 188 -8.03 -14.77 -6.32
CA ALA A 188 -6.84 -14.40 -7.21
C ALA A 188 -5.97 -13.26 -6.72
N PRO A 189 -6.55 -12.23 -6.11
CA PRO A 189 -5.66 -11.16 -5.61
C PRO A 189 -4.67 -11.59 -4.55
N ILE A 190 -5.13 -12.48 -3.70
CA ILE A 190 -4.26 -13.04 -2.67
C ILE A 190 -3.16 -13.86 -3.29
N ALA A 191 -3.54 -14.74 -4.21
CA ALA A 191 -2.56 -15.55 -4.91
C ALA A 191 -1.58 -14.75 -5.59
N ILE A 192 -2.12 -13.77 -6.41
CA ILE A 192 -1.17 -13.03 -7.32
C ILE A 192 -0.31 -11.95 -6.59
N GLY A 193 -0.92 -11.24 -5.61
CA GLY A 193 -0.13 -10.33 -4.74
C GLY A 193 0.97 -11.09 -4.02
N LEU A 194 0.63 -12.18 -3.28
CA LEU A 194 1.66 -12.86 -2.57
C LEU A 194 2.63 -13.56 -3.46
N ALA A 195 2.22 -13.90 -4.72
CA ALA A 195 3.25 -14.44 -5.59
C ALA A 195 4.31 -13.36 -5.89
N LEU A 196 3.83 -12.12 -6.01
CA LEU A 196 4.78 -11.00 -6.28
C LEU A 196 5.70 -10.76 -5.11
N THR A 197 5.18 -10.96 -3.86
CA THR A 197 6.09 -10.83 -2.74
C THR A 197 7.13 -11.91 -2.80
N LEU A 198 6.69 -13.16 -3.03
CA LEU A 198 7.60 -14.33 -3.08
C LEU A 198 8.71 -14.01 -4.17
N ILE A 199 8.28 -13.49 -5.31
CA ILE A 199 9.29 -13.24 -6.41
C ILE A 199 10.37 -12.27 -5.87
N HIS A 200 9.98 -11.26 -5.04
CA HIS A 200 10.95 -10.30 -4.49
C HIS A 200 11.83 -10.94 -3.45
N LEU A 201 11.24 -11.82 -2.61
CA LEU A 201 12.07 -12.52 -1.64
C LEU A 201 13.18 -13.34 -2.28
N ILE A 202 12.92 -13.87 -3.48
CA ILE A 202 13.92 -14.63 -4.20
C ILE A 202 14.96 -13.70 -4.89
N SER A 203 14.52 -12.63 -5.58
CA SER A 203 15.41 -12.02 -6.60
C SER A 203 15.87 -10.64 -6.37
N ILE A 204 15.50 -10.01 -5.25
CA ILE A 204 15.97 -8.59 -5.08
C ILE A 204 17.48 -8.49 -5.15
N PRO A 205 18.23 -9.45 -4.56
CA PRO A 205 19.70 -9.39 -4.61
C PRO A 205 20.25 -9.51 -6.03
N VAL A 206 19.48 -10.07 -6.96
CA VAL A 206 20.04 -10.38 -8.26
C VAL A 206 19.79 -9.15 -9.17
N THR A 207 18.58 -8.61 -9.21
CA THR A 207 18.23 -7.47 -10.07
C THR A 207 17.46 -6.40 -9.35
N ASN A 208 17.28 -6.48 -7.99
CA ASN A 208 16.32 -5.59 -7.33
C ASN A 208 14.87 -5.93 -7.73
N THR A 209 14.72 -6.91 -8.62
CA THR A 209 13.41 -7.42 -9.06
C THR A 209 12.53 -6.55 -9.92
N SER A 210 12.47 -6.89 -11.21
CA SER A 210 11.58 -6.17 -12.05
C SER A 210 10.29 -6.92 -12.29
N VAL A 211 10.37 -8.00 -13.08
CA VAL A 211 9.20 -8.70 -13.61
C VAL A 211 8.08 -7.75 -14.08
N ASN A 212 8.43 -6.49 -14.47
CA ASN A 212 7.47 -5.48 -14.81
C ASN A 212 8.17 -4.27 -15.50
N PRO A 213 8.05 -4.21 -16.84
CA PRO A 213 8.80 -3.19 -17.61
C PRO A 213 8.42 -1.77 -17.21
N ALA A 214 7.14 -1.50 -16.99
CA ALA A 214 6.73 -0.22 -16.48
C ALA A 214 7.33 0.14 -15.15
N ARG A 215 7.40 -0.85 -14.20
CA ARG A 215 7.92 -0.53 -12.84
C ARG A 215 9.44 -0.21 -12.92
N SER A 216 10.11 -0.80 -13.92
CA SER A 216 11.53 -0.44 -14.10
C SER A 216 11.75 0.95 -14.81
N THR A 217 10.82 1.29 -15.70
CA THR A 217 10.99 2.52 -16.58
C THR A 217 10.91 3.83 -15.79
N GLY A 218 9.91 4.01 -14.89
CA GLY A 218 9.81 5.25 -14.13
C GLY A 218 11.03 5.60 -13.31
N GLN A 219 11.50 4.65 -12.47
CA GLN A 219 12.67 4.93 -11.63
C GLN A 219 13.88 5.28 -12.52
N ALA A 220 14.14 4.46 -13.52
CA ALA A 220 15.28 4.68 -14.47
C ALA A 220 15.26 6.02 -15.17
N LEU A 221 14.07 6.55 -15.41
CA LEU A 221 14.03 7.83 -16.13
C LEU A 221 14.51 8.92 -15.19
N PHE A 222 14.36 8.72 -13.88
CA PHE A 222 14.78 9.76 -12.92
C PHE A 222 16.24 9.66 -12.61
N VAL A 223 16.84 8.49 -12.83
CA VAL A 223 18.26 8.27 -12.53
C VAL A 223 19.09 8.59 -13.79
N GLY A 224 18.52 8.32 -14.95
CA GLY A 224 19.31 8.37 -16.17
C GLY A 224 20.55 7.52 -16.04
N GLY A 225 21.63 7.91 -16.73
CA GLY A 225 22.92 7.18 -16.66
C GLY A 225 22.76 5.67 -16.85
N TRP A 226 23.44 4.92 -15.99
CA TRP A 226 23.44 3.47 -16.11
C TRP A 226 22.00 2.84 -16.08
N ALA A 227 21.11 3.44 -15.27
CA ALA A 227 19.72 2.98 -15.18
C ALA A 227 19.06 2.97 -16.57
N LEU A 228 19.25 4.04 -17.35
CA LEU A 228 18.72 4.00 -18.76
C LEU A 228 19.46 3.02 -19.65
N GLN A 229 20.75 2.80 -19.40
CA GLN A 229 21.51 1.94 -20.29
C GLN A 229 21.12 0.47 -20.06
N GLN A 230 20.68 0.15 -18.86
CA GLN A 230 20.32 -1.23 -18.55
C GLN A 230 18.82 -1.50 -18.77
N LEU A 231 18.03 -0.46 -19.02
CA LEU A 231 16.56 -0.59 -19.05
C LEU A 231 16.02 -1.57 -20.03
N TRP A 232 16.70 -1.74 -21.13
CA TRP A 232 16.24 -2.67 -22.14
C TRP A 232 16.06 -4.09 -21.56
N LEU A 233 16.98 -4.49 -20.71
CA LEU A 233 16.93 -5.83 -20.15
C LEU A 233 15.62 -6.10 -19.42
N PHE A 234 15.06 -5.07 -18.83
CA PHE A 234 13.87 -5.19 -17.99
C PHE A 234 12.58 -4.96 -18.71
N TRP A 235 12.73 -4.72 -20.01
CA TRP A 235 11.62 -4.83 -20.92
C TRP A 235 11.69 -6.20 -21.58
N LEU A 236 12.87 -6.54 -22.14
CA LEU A 236 13.00 -7.78 -22.89
C LEU A 236 12.74 -9.02 -22.01
N ALA A 237 13.41 -9.12 -20.89
CA ALA A 237 13.31 -10.42 -20.08
C ALA A 237 11.92 -10.67 -19.48
N PRO A 238 11.23 -9.63 -18.89
CA PRO A 238 9.89 -9.94 -18.32
C PRO A 238 8.90 -10.30 -19.45
N ILE A 239 9.04 -9.66 -20.61
CA ILE A 239 8.11 -9.93 -21.72
C ILE A 239 8.28 -11.35 -22.30
N VAL A 240 9.54 -11.80 -22.38
CA VAL A 240 9.80 -13.18 -22.80
C VAL A 240 9.32 -14.15 -21.70
N GLY A 241 9.53 -13.81 -20.45
CA GLY A 241 9.07 -14.73 -19.31
C GLY A 241 7.57 -14.75 -19.33
N GLY A 242 6.89 -13.58 -19.45
CA GLY A 242 5.41 -13.54 -19.45
C GLY A 242 4.80 -14.32 -20.62
N ALA A 243 5.37 -14.16 -21.82
CA ALA A 243 4.92 -14.89 -23.00
C ALA A 243 5.16 -16.39 -22.79
N ALA A 244 6.35 -16.76 -22.30
CA ALA A 244 6.64 -18.21 -22.04
C ALA A 244 5.71 -18.85 -21.02
N GLY A 245 5.41 -18.15 -19.92
CA GLY A 245 4.50 -18.71 -18.96
C GLY A 245 3.12 -18.92 -19.57
N ALA A 246 2.69 -18.01 -20.42
CA ALA A 246 1.42 -18.15 -21.15
C ALA A 246 1.39 -19.40 -22.03
N VAL A 247 2.50 -19.67 -22.73
CA VAL A 247 2.56 -20.81 -23.67
C VAL A 247 2.55 -22.11 -22.85
N ILE A 248 3.31 -22.12 -21.77
CA ILE A 248 3.34 -23.31 -20.88
C ILE A 248 1.97 -23.57 -20.28
N TRP A 249 1.35 -22.51 -19.82
CA TRP A 249 0.03 -22.60 -19.21
C TRP A 249 -0.96 -23.23 -20.22
N LYS A 250 -0.86 -22.78 -21.49
CA LYS A 250 -1.83 -23.23 -22.52
C LYS A 250 -1.72 -24.75 -22.75
N LEU A 251 -0.50 -25.23 -22.66
CA LEU A 251 -0.22 -26.63 -22.87
C LEU A 251 -0.82 -27.52 -21.76
N PHE A 252 -0.99 -27.06 -20.52
CA PHE A 252 -1.46 -28.06 -19.49
C PHE A 252 -2.49 -27.53 -18.54
N GLY A 253 -2.67 -26.21 -18.51
CA GLY A 253 -3.56 -25.64 -17.49
C GLY A 253 -4.87 -25.07 -17.95
N GLU A 254 -4.87 -24.37 -19.11
CA GLU A 254 -6.04 -23.61 -19.56
C GLU A 254 -7.23 -24.46 -20.01
N LYS A 255 -7.04 -25.63 -20.61
CA LYS A 255 -8.22 -26.47 -21.00
C LYS A 255 -8.93 -27.09 -19.82
N ASP A 256 -10.25 -27.25 -19.96
CA ASP A 256 -11.04 -28.02 -19.05
C ASP A 256 -10.65 -29.52 -19.22
N TYR B 23 -29.94 5.59 1.65
CA TYR B 23 -29.44 4.79 2.83
C TYR B 23 -30.55 4.41 3.81
N PHE B 24 -30.55 3.15 4.26
CA PHE B 24 -31.44 2.62 5.30
C PHE B 24 -30.62 2.26 6.55
N GLN B 25 -31.29 2.13 7.68
CA GLN B 25 -30.68 1.74 8.93
C GLN B 25 -30.66 0.22 9.08
N SER B 26 -29.52 -0.37 9.43
CA SER B 26 -29.44 -1.81 9.58
C SER B 26 -29.28 -2.17 11.05
N TYR B 27 -28.63 -1.25 11.79
CA TYR B 27 -28.43 -1.33 13.24
C TYR B 27 -28.65 0.07 13.83
N VAL B 28 -29.16 0.13 15.07
CA VAL B 28 -29.40 1.41 15.72
C VAL B 28 -28.10 2.11 16.03
N MET B 29 -28.14 3.42 16.21
CA MET B 29 -26.91 4.25 16.22
C MET B 29 -26.03 3.92 17.41
N GLY B 30 -26.60 3.66 18.58
CA GLY B 30 -25.75 3.32 19.73
C GLY B 30 -24.80 2.13 19.43
N ARG B 31 -25.29 1.13 18.71
CA ARG B 31 -24.48 -0.05 18.39
C ARG B 31 -23.40 0.31 17.38
N LYS B 32 -23.75 1.12 16.40
CA LYS B 32 -22.74 1.55 15.40
C LYS B 32 -21.66 2.38 16.09
N LEU B 33 -22.04 3.15 17.12
CA LEU B 33 -21.06 4.03 17.75
C LEU B 33 -20.13 3.24 18.64
N LEU B 34 -20.69 2.24 19.40
CA LEU B 34 -19.87 1.35 20.17
C LEU B 34 -18.87 0.53 19.26
N ALA B 35 -19.38 -0.03 18.18
CA ALA B 35 -18.55 -0.68 17.17
C ALA B 35 -17.37 0.22 16.79
N GLU B 36 -17.68 1.49 16.47
CA GLU B 36 -16.61 2.42 15.97
C GLU B 36 -15.68 2.75 17.14
N PHE B 37 -16.26 2.93 18.33
CA PHE B 37 -15.47 3.24 19.51
C PHE B 37 -14.45 2.09 19.81
N PHE B 38 -14.94 0.86 19.80
CA PHE B 38 -14.08 -0.28 20.20
C PHE B 38 -13.04 -0.57 19.11
N GLY B 39 -13.47 -0.40 17.88
CA GLY B 39 -12.57 -0.66 16.76
C GLY B 39 -11.43 0.33 16.73
N THR B 40 -11.74 1.64 16.84
CA THR B 40 -10.66 2.65 16.85
C THR B 40 -9.79 2.47 18.11
N PHE B 41 -10.41 2.07 19.23
CA PHE B 41 -9.59 1.75 20.46
C PHE B 41 -8.59 0.66 20.10
N TRP B 42 -9.07 -0.41 19.45
CA TRP B 42 -8.18 -1.56 19.06
C TRP B 42 -7.07 -1.13 18.10
N LEU B 43 -7.45 -0.24 17.14
CA LEU B 43 -6.47 0.21 16.13
C LEU B 43 -5.33 0.97 16.81
N VAL B 44 -5.66 1.86 17.76
CA VAL B 44 -4.63 2.61 18.46
C VAL B 44 -3.92 1.74 19.51
N PHE B 45 -4.68 1.03 20.33
CA PHE B 45 -4.05 0.16 21.32
C PHE B 45 -3.11 -0.88 20.73
N GLY B 46 -3.50 -1.48 19.60
CA GLY B 46 -2.65 -2.47 18.97
C GLY B 46 -1.54 -1.82 18.10
N GLY B 47 -1.86 -0.82 17.27
CA GLY B 47 -0.78 -0.22 16.38
C GLY B 47 0.21 0.64 17.20
N CYS B 48 -0.31 1.56 17.98
CA CYS B 48 0.55 2.34 18.89
C CYS B 48 1.12 1.50 20.02
N GLY B 49 0.38 0.53 20.54
CA GLY B 49 0.98 -0.35 21.60
C GLY B 49 2.19 -1.11 21.06
N SER B 50 2.03 -1.76 19.88
CA SER B 50 3.17 -2.47 19.30
C SER B 50 4.39 -1.52 19.15
N ALA B 51 4.17 -0.27 18.70
CA ALA B 51 5.27 0.68 18.57
C ALA B 51 5.94 1.05 19.90
N VAL B 52 5.13 1.38 20.90
CA VAL B 52 5.62 1.75 22.26
C VAL B 52 6.29 0.59 22.99
N PHE B 53 5.67 -0.59 22.99
CA PHE B 53 6.25 -1.73 23.78
C PHE B 53 7.31 -2.55 23.04
N ALA B 54 7.15 -2.74 21.72
CA ALA B 54 7.88 -3.79 21.05
C ALA B 54 8.79 -3.27 19.93
N ALA B 55 8.53 -2.09 19.32
CA ALA B 55 9.27 -1.74 18.05
C ALA B 55 10.77 -1.79 18.24
N ALA B 56 11.25 -1.17 19.33
CA ALA B 56 12.67 -0.95 19.54
C ALA B 56 13.25 -1.85 20.59
N PHE B 57 12.51 -2.86 21.04
CA PHE B 57 13.04 -3.77 22.06
C PHE B 57 14.37 -4.31 21.65
N PRO B 58 15.35 -4.28 22.57
CA PRO B 58 16.70 -4.70 22.19
C PRO B 58 16.78 -6.12 21.54
N GLU B 59 17.49 -6.23 20.43
CA GLU B 59 17.77 -7.50 19.71
C GLU B 59 16.56 -8.18 19.02
N LEU B 60 15.39 -8.19 19.64
CA LEU B 60 14.29 -9.02 19.16
C LEU B 60 13.10 -8.17 18.73
N GLY B 61 13.21 -6.87 18.91
CA GLY B 61 12.07 -5.98 18.64
C GLY B 61 11.56 -6.05 17.21
N ILE B 62 10.35 -5.55 16.98
CA ILE B 62 9.63 -5.88 15.80
C ILE B 62 9.88 -4.80 14.68
N GLY B 63 10.44 -3.66 15.00
CA GLY B 63 10.78 -2.64 13.96
C GLY B 63 9.67 -1.99 13.20
N PHE B 64 9.95 -1.13 12.13
CA PHE B 64 8.84 -0.58 11.38
C PHE B 64 7.98 -1.65 10.75
N THR B 65 8.57 -2.76 10.34
CA THR B 65 7.77 -3.84 9.73
C THR B 65 6.69 -4.41 10.67
N GLY B 66 7.08 -4.75 11.89
CA GLY B 66 6.13 -5.33 12.87
C GLY B 66 5.06 -4.32 13.25
N VAL B 67 5.41 -3.00 13.37
CA VAL B 67 4.37 -1.99 13.60
C VAL B 67 3.36 -1.89 12.44
N ALA B 68 3.88 -1.94 11.19
CA ALA B 68 2.99 -1.81 10.03
C ALA B 68 2.07 -3.01 10.03
N LEU B 69 2.62 -4.20 10.22
CA LEU B 69 1.76 -5.41 10.32
C LEU B 69 0.71 -5.22 11.39
N ALA B 70 1.13 -4.76 12.54
CA ALA B 70 0.14 -4.65 13.74
C ALA B 70 -1.01 -3.68 13.32
N PHE B 71 -0.71 -2.50 12.74
CA PHE B 71 -1.78 -1.56 12.42
C PHE B 71 -2.69 -2.17 11.41
N GLY B 72 -2.15 -2.84 10.38
CA GLY B 72 -3.03 -3.47 9.41
C GLY B 72 -3.90 -4.52 10.00
N LEU B 73 -3.34 -5.30 10.94
CA LEU B 73 -4.12 -6.40 11.53
C LEU B 73 -5.23 -5.85 12.51
N THR B 74 -5.03 -4.70 13.17
CA THR B 74 -6.14 -4.21 14.08
C THR B 74 -7.42 -3.98 13.22
N VAL B 75 -7.23 -3.47 12.00
CA VAL B 75 -8.32 -3.18 11.09
C VAL B 75 -8.86 -4.40 10.45
N LEU B 76 -7.98 -5.27 9.91
CA LEU B 76 -8.49 -6.53 9.34
C LEU B 76 -9.38 -7.23 10.40
N THR B 77 -8.88 -7.33 11.63
CA THR B 77 -9.57 -8.21 12.64
C THR B 77 -10.87 -7.47 13.15
N MET B 78 -10.82 -6.14 13.32
CA MET B 78 -12.08 -5.45 13.75
C MET B 78 -13.06 -5.20 12.60
N ALA B 79 -12.55 -5.11 11.37
CA ALA B 79 -13.49 -5.03 10.26
C ALA B 79 -14.26 -6.33 10.12
N TYR B 80 -13.59 -7.48 10.20
CA TYR B 80 -14.36 -8.73 10.33
C TYR B 80 -15.28 -8.73 11.57
N ALA B 81 -14.77 -8.29 12.70
CA ALA B 81 -15.57 -8.45 14.00
C ALA B 81 -16.86 -7.53 14.04
N VAL B 82 -16.73 -6.25 13.62
CA VAL B 82 -17.84 -5.24 13.72
C VAL B 82 -18.07 -4.45 12.45
N GLY B 83 -17.26 -4.71 11.41
CA GLY B 83 -17.54 -4.07 10.11
C GLY B 83 -18.99 -4.21 9.67
N GLY B 84 -19.60 -5.33 9.95
CA GLY B 84 -20.97 -5.58 9.45
C GLY B 84 -22.01 -4.79 10.24
N ILE B 85 -21.57 -4.14 11.32
CA ILE B 85 -22.47 -3.38 12.17
C ILE B 85 -22.46 -1.90 11.83
N SER B 86 -21.28 -1.29 11.87
CA SER B 86 -21.11 0.16 11.68
C SER B 86 -20.61 0.49 10.28
N GLY B 87 -20.12 -0.48 9.50
CA GLY B 87 -19.37 -0.18 8.30
C GLY B 87 -17.84 -0.29 8.56
N GLY B 88 -17.41 -0.26 9.82
CA GLY B 88 -16.01 -0.48 10.17
C GLY B 88 -15.06 0.62 9.69
N HIS B 89 -15.36 1.90 9.98
CA HIS B 89 -14.52 3.01 9.58
C HIS B 89 -13.29 3.17 10.48
N PHE B 90 -13.49 3.31 11.82
CA PHE B 90 -12.35 3.42 12.71
C PHE B 90 -11.43 4.62 12.39
N ASN B 91 -11.96 5.65 11.74
CA ASN B 91 -11.06 6.62 11.08
C ASN B 91 -11.87 7.77 10.46
N PRO B 92 -11.76 8.99 11.05
CA PRO B 92 -12.56 10.13 10.59
C PRO B 92 -12.39 10.39 9.07
N ALA B 93 -11.17 10.17 8.56
CA ALA B 93 -10.84 10.33 7.13
C ALA B 93 -11.60 9.32 6.28
N VAL B 94 -11.82 8.13 6.85
CA VAL B 94 -12.58 7.12 6.12
C VAL B 94 -14.07 7.51 6.13
N SER B 95 -14.60 7.95 7.30
CA SER B 95 -16.02 8.36 7.39
C SER B 95 -16.23 9.51 6.36
N VAL B 96 -15.30 10.45 6.29
CA VAL B 96 -15.47 11.60 5.38
C VAL B 96 -15.47 11.15 3.93
N GLY B 97 -14.53 10.27 3.56
CA GLY B 97 -14.37 9.78 2.20
C GLY B 97 -15.59 9.03 1.74
N LEU B 98 -16.14 8.20 2.61
CA LEU B 98 -17.29 7.39 2.25
C LEU B 98 -18.52 8.30 2.12
N THR B 99 -18.59 9.36 2.93
CA THR B 99 -19.69 10.36 2.75
C THR B 99 -19.57 11.06 1.40
N VAL B 100 -18.37 11.49 1.07
CA VAL B 100 -18.13 12.20 -0.22
C VAL B 100 -18.43 11.23 -1.38
N ALA B 101 -18.16 9.91 -1.19
CA ALA B 101 -18.38 8.98 -2.30
C ALA B 101 -19.86 8.59 -2.39
N GLY B 102 -20.69 9.04 -1.45
CA GLY B 102 -22.08 8.64 -1.47
C GLY B 102 -22.28 7.22 -1.01
N ARG B 103 -21.48 6.76 -0.03
CA ARG B 103 -21.65 5.41 0.47
C ARG B 103 -22.24 5.47 1.87
N PHE B 104 -22.22 6.66 2.47
CA PHE B 104 -22.50 6.85 3.89
C PHE B 104 -23.15 8.23 4.05
N PRO B 105 -24.09 8.37 4.99
CA PRO B 105 -24.89 9.62 5.12
C PRO B 105 -24.20 10.69 5.95
N ALA B 106 -24.18 11.91 5.44
CA ALA B 106 -23.48 12.96 6.15
C ALA B 106 -23.98 13.12 7.58
N SER B 107 -25.22 12.71 7.84
CA SER B 107 -25.85 12.85 9.15
C SER B 107 -25.25 11.95 10.20
N SER B 108 -24.52 10.90 9.79
CA SER B 108 -23.81 10.04 10.73
C SER B 108 -22.35 10.43 10.94
N LEU B 109 -21.85 11.32 10.10
CA LEU B 109 -20.45 11.74 10.11
C LEU B 109 -19.93 12.22 11.51
N VAL B 110 -20.56 13.26 12.08
CA VAL B 110 -20.06 13.83 13.30
C VAL B 110 -20.10 12.86 14.49
N PRO B 111 -21.21 12.14 14.68
CA PRO B 111 -21.27 11.13 15.77
C PRO B 111 -20.17 10.05 15.57
N TYR B 112 -19.91 9.60 14.32
CA TYR B 112 -18.87 8.55 14.15
C TYR B 112 -17.49 9.11 14.58
N VAL B 113 -17.15 10.28 14.02
CA VAL B 113 -15.89 10.96 14.30
C VAL B 113 -15.70 11.15 15.81
N ILE B 114 -16.77 11.42 16.54
CA ILE B 114 -16.66 11.56 18.00
C ILE B 114 -16.41 10.21 18.70
N ALA B 115 -17.07 9.15 18.22
CA ALA B 115 -16.85 7.81 18.80
C ALA B 115 -15.38 7.39 18.52
N GLN B 116 -14.89 7.75 17.31
CA GLN B 116 -13.56 7.33 16.94
C GLN B 116 -12.48 8.05 17.72
N VAL B 117 -12.63 9.37 17.88
CA VAL B 117 -11.67 10.12 18.63
C VAL B 117 -11.75 9.69 20.10
N ALA B 118 -12.95 9.47 20.63
CA ALA B 118 -13.02 8.96 22.05
C ALA B 118 -12.27 7.60 22.22
N GLY B 119 -12.49 6.65 21.29
CA GLY B 119 -11.81 5.32 21.30
C GLY B 119 -10.30 5.49 21.29
N ALA B 120 -9.79 6.44 20.50
CA ALA B 120 -8.32 6.64 20.37
C ALA B 120 -7.75 7.24 21.65
N ILE B 121 -8.46 8.24 22.22
CA ILE B 121 -8.00 8.84 23.51
C ILE B 121 -8.00 7.80 24.62
N VAL B 122 -9.04 6.97 24.68
CA VAL B 122 -9.11 5.95 25.76
C VAL B 122 -8.01 4.87 25.58
N ALA B 123 -7.67 4.52 24.31
CA ALA B 123 -6.56 3.60 24.04
C ALA B 123 -5.21 4.19 24.42
N ALA B 124 -4.94 5.44 24.07
CA ALA B 124 -3.75 6.17 24.53
C ALA B 124 -3.64 6.12 26.06
N ALA B 125 -4.72 6.39 26.75
CA ALA B 125 -4.73 6.40 28.20
C ALA B 125 -4.42 4.99 28.69
N ALA B 126 -5.00 3.98 28.07
CA ALA B 126 -4.79 2.59 28.47
C ALA B 126 -3.33 2.20 28.26
N LEU B 127 -2.76 2.57 27.13
CA LEU B 127 -1.33 2.33 26.88
C LEU B 127 -0.48 3.00 27.94
N TYR B 128 -0.82 4.22 28.28
CA TYR B 128 -0.06 4.98 29.25
C TYR B 128 -0.06 4.30 30.62
N VAL B 129 -1.24 3.88 31.07
CA VAL B 129 -1.35 3.20 32.36
C VAL B 129 -0.46 1.96 32.36
N ILE B 130 -0.51 1.15 31.29
CA ILE B 130 0.28 -0.07 31.26
C ILE B 130 1.78 0.22 31.26
N ALA B 131 2.17 1.26 30.50
CA ALA B 131 3.57 1.70 30.43
C ALA B 131 4.12 2.20 31.80
N THR B 132 3.27 2.82 32.63
CA THR B 132 3.75 3.23 33.96
C THR B 132 4.23 2.05 34.81
N GLY B 133 3.91 0.82 34.42
CA GLY B 133 4.37 -0.34 35.17
C GLY B 133 5.82 -0.68 34.85
N LYS B 134 6.50 0.13 34.05
CA LYS B 134 7.97 -0.05 33.82
C LYS B 134 8.62 1.29 34.12
N ALA B 135 8.90 1.58 35.39
CA ALA B 135 9.13 2.99 35.76
C ALA B 135 10.48 3.54 35.26
N GLY B 136 10.47 4.88 35.13
CA GLY B 136 11.66 5.67 34.80
C GLY B 136 11.92 5.70 33.31
N ILE B 137 10.94 5.25 32.54
CA ILE B 137 11.11 5.11 31.12
C ILE B 137 10.68 6.37 30.34
N ASP B 138 11.43 6.62 29.29
CA ASP B 138 11.15 7.68 28.39
C ASP B 138 10.26 7.17 27.23
N LEU B 139 9.01 7.63 27.11
CA LEU B 139 8.11 7.27 25.99
C LEU B 139 8.41 8.08 24.73
N GLY B 140 9.33 9.06 24.81
CA GLY B 140 9.69 9.83 23.59
C GLY B 140 8.46 10.47 23.01
N GLY B 141 8.24 10.30 21.70
CA GLY B 141 7.01 10.80 21.01
C GLY B 141 5.77 9.95 21.24
N PHE B 142 5.91 8.83 21.99
CA PHE B 142 4.69 8.04 22.32
C PHE B 142 3.86 7.71 21.02
N ALA B 143 4.55 7.32 19.97
CA ALA B 143 3.96 6.95 18.70
C ALA B 143 3.13 8.08 18.06
N SER B 144 3.29 9.33 18.53
CA SER B 144 2.69 10.47 17.86
C SER B 144 3.20 10.66 16.43
N ASN B 145 2.36 11.21 15.57
CA ASN B 145 2.79 11.62 14.19
C ASN B 145 3.46 12.96 14.21
N GLY B 146 4.38 13.14 13.27
CA GLY B 146 4.97 14.45 13.20
C GLY B 146 5.67 14.72 11.87
N TYR B 147 6.22 15.93 11.76
CA TYR B 147 6.93 16.36 10.50
C TYR B 147 8.12 17.24 10.86
N GLY B 148 8.99 17.50 9.88
CA GLY B 148 10.20 18.27 10.14
C GLY B 148 11.09 17.62 11.16
N GLU B 149 11.44 18.32 12.25
CA GLU B 149 12.28 17.67 13.29
C GLU B 149 11.59 16.46 13.85
N HIS B 150 10.28 16.42 13.72
CA HIS B 150 9.51 15.32 14.34
C HIS B 150 9.11 14.19 13.34
N SER B 151 9.56 14.30 12.08
CA SER B 151 9.61 13.21 11.11
C SER B 151 10.81 12.32 11.45
N PRO B 152 10.59 11.00 11.65
CA PRO B 152 11.67 10.09 11.97
C PRO B 152 12.90 10.24 11.00
N GLY B 153 12.64 10.58 9.71
CA GLY B 153 13.72 10.73 8.75
C GLY B 153 14.03 12.22 8.43
N GLY B 154 13.45 13.17 9.16
CA GLY B 154 13.74 14.62 8.90
C GLY B 154 13.02 15.18 7.65
N TYR B 155 11.92 14.55 7.21
CA TYR B 155 11.22 15.05 6.02
C TYR B 155 10.41 16.30 6.34
N SER B 156 10.31 17.20 5.34
CA SER B 156 9.66 18.52 5.56
C SER B 156 8.14 18.43 5.69
N LEU B 157 7.55 19.50 6.19
CA LEU B 157 6.12 19.66 6.23
C LEU B 157 5.47 19.35 4.86
N VAL B 158 6.06 19.88 3.76
CA VAL B 158 5.48 19.63 2.45
C VAL B 158 5.50 18.13 2.07
N SER B 159 6.58 17.45 2.40
CA SER B 159 6.69 16.03 2.16
C SER B 159 5.64 15.27 2.96
N ALA B 160 5.50 15.62 4.24
CA ALA B 160 4.48 15.04 5.09
C ALA B 160 3.05 15.21 4.56
N LEU B 161 2.76 16.44 4.13
CA LEU B 161 1.47 16.78 3.60
C LEU B 161 1.19 16.00 2.34
N LEU B 162 2.14 15.98 1.40
CA LEU B 162 1.94 15.27 0.16
C LEU B 162 1.67 13.71 0.39
N ILE B 163 2.47 13.10 1.26
CA ILE B 163 2.47 11.66 1.32
C ILE B 163 1.20 11.23 2.07
N GLU B 164 0.77 12.03 3.07
CA GLU B 164 -0.51 11.75 3.78
C GLU B 164 -1.72 11.96 2.86
N ILE B 165 -1.67 12.94 1.91
CA ILE B 165 -2.77 13.08 0.99
C ILE B 165 -2.84 11.91 0.03
N ILE B 166 -1.73 11.53 -0.54
CA ILE B 166 -1.72 10.48 -1.55
C ILE B 166 -2.09 9.11 -0.84
N LEU B 167 -1.50 8.87 0.31
CA LEU B 167 -1.73 7.51 1.03
C LEU B 167 -3.18 7.37 1.49
N THR B 168 -3.78 8.43 2.03
CA THR B 168 -5.18 8.36 2.44
C THR B 168 -6.15 8.26 1.24
N ALA B 169 -5.83 8.99 0.15
CA ALA B 169 -6.62 8.82 -1.09
C ALA B 169 -6.64 7.42 -1.57
N PHE B 170 -5.48 6.78 -1.71
CA PHE B 170 -5.48 5.33 -2.09
C PHE B 170 -6.11 4.38 -1.10
N PHE B 171 -6.01 4.69 0.18
CA PHE B 171 -6.69 3.92 1.21
C PHE B 171 -8.20 3.94 0.90
N LEU B 172 -8.72 5.14 0.58
CA LEU B 172 -10.14 5.26 0.17
C LEU B 172 -10.48 4.52 -1.12
N ILE B 173 -9.57 4.54 -2.07
CA ILE B 173 -9.86 3.85 -3.34
C ILE B 173 -9.90 2.30 -3.06
N VAL B 174 -8.97 1.80 -2.25
CA VAL B 174 -8.99 0.35 -1.88
C VAL B 174 -10.23 -0.01 -1.06
N ILE B 175 -10.62 0.83 -0.09
CA ILE B 175 -11.87 0.60 0.67
C ILE B 175 -13.11 0.61 -0.23
N LEU B 176 -13.19 1.61 -1.14
CA LEU B 176 -14.38 1.70 -2.01
C LEU B 176 -14.46 0.57 -3.01
N GLY B 177 -13.32 0.19 -3.59
CA GLY B 177 -13.37 -0.86 -4.68
C GLY B 177 -13.59 -2.24 -4.00
N SER B 178 -12.97 -2.44 -2.86
CA SER B 178 -13.02 -3.85 -2.26
C SER B 178 -14.40 -4.15 -1.62
N THR B 179 -15.10 -3.13 -1.18
CA THR B 179 -16.47 -3.21 -0.74
C THR B 179 -17.56 -2.97 -1.87
N HIS B 180 -17.13 -2.84 -3.13
CA HIS B 180 -18.06 -2.67 -4.19
C HIS B 180 -18.76 -4.02 -4.42
N GLY B 181 -19.94 -4.01 -5.02
CA GLY B 181 -20.71 -5.25 -5.22
C GLY B 181 -20.06 -6.15 -6.22
N ARG B 182 -19.11 -5.67 -7.04
CA ARG B 182 -18.44 -6.54 -7.98
C ARG B 182 -17.37 -7.43 -7.35
N VAL B 183 -17.12 -7.27 -6.05
CA VAL B 183 -16.15 -8.14 -5.34
C VAL B 183 -16.88 -9.00 -4.29
N PRO B 184 -16.57 -10.29 -4.16
CA PRO B 184 -17.44 -11.10 -3.30
C PRO B 184 -17.34 -10.71 -1.82
N ALA B 185 -18.45 -10.79 -1.12
CA ALA B 185 -18.50 -10.48 0.32
C ALA B 185 -17.45 -11.22 1.09
N GLY B 186 -16.83 -10.53 2.04
CA GLY B 186 -15.96 -11.18 3.01
C GLY B 186 -14.49 -10.85 2.77
N PHE B 187 -14.10 -10.41 1.55
CA PHE B 187 -12.70 -10.19 1.28
C PHE B 187 -12.21 -8.81 1.66
N ALA B 188 -13.13 -7.82 1.80
CA ALA B 188 -12.74 -6.44 2.13
C ALA B 188 -11.81 -6.27 3.32
N PRO B 189 -12.06 -6.99 4.48
CA PRO B 189 -11.23 -6.76 5.65
C PRO B 189 -9.79 -7.09 5.31
N ILE B 190 -9.58 -8.08 4.47
CA ILE B 190 -8.22 -8.44 4.10
C ILE B 190 -7.55 -7.39 3.14
N ALA B 191 -8.27 -6.95 2.13
CA ALA B 191 -7.68 -5.86 1.21
C ALA B 191 -7.45 -4.57 2.02
N ILE B 192 -8.45 -4.16 2.81
CA ILE B 192 -8.38 -2.90 3.57
C ILE B 192 -7.31 -2.99 4.68
N GLY B 193 -7.31 -4.09 5.49
CA GLY B 193 -6.28 -4.16 6.55
C GLY B 193 -4.88 -4.30 5.99
N LEU B 194 -4.67 -5.08 4.91
CA LEU B 194 -3.34 -5.19 4.33
C LEU B 194 -2.90 -3.91 3.61
N ALA B 195 -3.86 -3.11 3.15
CA ALA B 195 -3.51 -1.81 2.51
C ALA B 195 -2.97 -0.89 3.58
N LEU B 196 -3.55 -0.98 4.80
CA LEU B 196 -2.99 -0.17 5.88
C LEU B 196 -1.62 -0.60 6.27
N THR B 197 -1.32 -1.91 6.20
CA THR B 197 0.04 -2.36 6.57
C THR B 197 1.01 -1.74 5.50
N LEU B 198 0.58 -1.84 4.24
CA LEU B 198 1.39 -1.36 3.11
C LEU B 198 1.68 0.13 3.33
N ILE B 199 0.66 0.90 3.69
CA ILE B 199 0.81 2.36 3.90
C ILE B 199 1.82 2.65 4.95
N HIS B 200 1.89 1.81 6.07
CA HIS B 200 2.90 2.08 7.05
C HIS B 200 4.30 1.68 6.56
N LEU B 201 4.39 0.60 5.78
CA LEU B 201 5.69 0.17 5.19
C LEU B 201 6.32 1.31 4.36
N ILE B 202 5.45 2.04 3.69
CA ILE B 202 5.93 3.17 2.84
C ILE B 202 6.33 4.40 3.69
N SER B 203 5.51 4.78 4.67
CA SER B 203 5.55 6.17 5.17
C SER B 203 5.92 6.33 6.62
N ILE B 204 6.14 5.26 7.35
CA ILE B 204 6.58 5.47 8.75
C ILE B 204 7.80 6.39 8.87
N PRO B 205 8.80 6.21 8.04
CA PRO B 205 9.98 7.18 8.04
C PRO B 205 9.61 8.62 7.76
N VAL B 206 8.50 8.87 7.10
CA VAL B 206 8.15 10.22 6.76
C VAL B 206 7.37 10.95 7.80
N THR B 207 6.27 10.35 8.27
CA THR B 207 5.41 11.03 9.25
C THR B 207 5.12 10.14 10.48
N ASN B 208 5.74 8.96 10.58
CA ASN B 208 5.27 7.87 11.51
C ASN B 208 3.95 7.26 11.07
N THR B 209 3.40 7.76 9.95
CA THR B 209 2.15 7.30 9.34
C THR B 209 0.84 7.65 10.13
N SER B 210 0.11 8.67 9.66
CA SER B 210 -1.22 8.88 10.16
C SER B 210 -2.39 8.24 9.40
N VAL B 211 -2.65 8.78 8.18
CA VAL B 211 -3.85 8.51 7.40
C VAL B 211 -5.17 8.40 8.24
N ASN B 212 -5.19 9.06 9.43
CA ASN B 212 -6.25 8.77 10.44
C ASN B 212 -6.19 9.78 11.56
N PRO B 213 -7.06 10.81 11.51
CA PRO B 213 -6.95 11.94 12.43
C PRO B 213 -7.17 11.49 13.89
N ALA B 214 -8.05 10.53 14.10
CA ALA B 214 -8.31 10.05 15.50
C ALA B 214 -7.08 9.34 16.09
N ARG B 215 -6.37 8.57 15.27
CA ARG B 215 -5.20 7.88 15.70
C ARG B 215 -4.08 8.84 16.12
N SER B 216 -3.93 9.95 15.39
CA SER B 216 -2.96 10.96 15.68
C SER B 216 -3.29 11.75 16.96
N THR B 217 -4.58 11.93 17.19
CA THR B 217 -5.07 12.79 18.26
C THR B 217 -4.82 12.26 19.69
N GLY B 218 -5.16 11.00 19.94
CA GLY B 218 -4.97 10.40 21.34
C GLY B 218 -3.50 10.48 21.82
N GLN B 219 -2.54 10.03 20.98
CA GLN B 219 -1.10 10.05 21.35
C GLN B 219 -0.69 11.49 21.64
N ALA B 220 -1.09 12.42 20.76
CA ALA B 220 -0.58 13.80 20.78
C ALA B 220 -1.09 14.52 22.04
N LEU B 221 -2.26 14.15 22.50
CA LEU B 221 -2.79 14.78 23.69
C LEU B 221 -1.98 14.36 24.89
N PHE B 222 -1.31 13.19 24.85
CA PHE B 222 -0.49 12.79 26.01
C PHE B 222 0.90 13.42 25.89
N VAL B 223 1.41 13.57 24.67
CA VAL B 223 2.75 14.20 24.53
C VAL B 223 2.66 15.71 24.75
N GLY B 224 1.56 16.30 24.32
CA GLY B 224 1.44 17.78 24.35
C GLY B 224 2.50 18.41 23.46
N GLY B 225 2.85 19.68 23.73
CA GLY B 225 4.01 20.32 23.07
C GLY B 225 3.92 20.24 21.56
N TRP B 226 5.01 19.86 20.92
CA TRP B 226 5.11 19.79 19.47
C TRP B 226 4.07 18.88 18.85
N ALA B 227 3.66 17.83 19.57
CA ALA B 227 2.70 16.86 18.97
C ALA B 227 1.33 17.53 18.82
N LEU B 228 0.94 18.35 19.80
CA LEU B 228 -0.34 19.10 19.71
C LEU B 228 -0.19 20.22 18.70
N GLN B 229 1.01 20.75 18.62
CA GLN B 229 1.24 21.84 17.71
C GLN B 229 1.23 21.41 16.24
N GLN B 230 1.69 20.19 15.98
CA GLN B 230 1.72 19.66 14.58
C GLN B 230 0.43 18.87 14.27
N LEU B 231 -0.43 18.68 15.28
CA LEU B 231 -1.56 17.79 15.06
C LEU B 231 -2.44 18.23 13.86
N TRP B 232 -2.55 19.54 13.66
CA TRP B 232 -3.44 20.07 12.60
C TRP B 232 -3.21 19.35 11.28
N LEU B 233 -1.94 19.05 11.02
CA LEU B 233 -1.61 18.48 9.72
C LEU B 233 -2.21 17.08 9.52
N PHE B 234 -2.39 16.35 10.63
CA PHE B 234 -2.89 14.99 10.51
C PHE B 234 -4.41 14.92 10.69
N TRP B 235 -5.05 16.10 10.79
CA TRP B 235 -6.48 16.20 10.47
C TRP B 235 -6.63 16.62 8.98
N LEU B 236 -5.95 17.71 8.62
CA LEU B 236 -6.12 18.28 7.28
C LEU B 236 -5.73 17.30 6.15
N ALA B 237 -4.53 16.70 6.21
CA ALA B 237 -4.03 15.89 5.07
C ALA B 237 -4.81 14.62 4.84
N PRO B 238 -5.10 13.80 5.90
CA PRO B 238 -5.90 12.56 5.72
C PRO B 238 -7.30 12.91 5.20
N ILE B 239 -7.94 13.94 5.76
CA ILE B 239 -9.30 14.29 5.35
C ILE B 239 -9.30 14.79 3.89
N VAL B 240 -8.33 15.61 3.51
CA VAL B 240 -8.21 16.01 2.09
C VAL B 240 -7.98 14.78 1.19
N GLY B 241 -7.08 13.90 1.59
CA GLY B 241 -6.74 12.71 0.76
C GLY B 241 -7.95 11.81 0.69
N GLY B 242 -8.62 11.58 1.81
CA GLY B 242 -9.85 10.73 1.81
C GLY B 242 -10.93 11.28 0.84
N ALA B 243 -11.18 12.58 0.91
CA ALA B 243 -12.15 13.21 -0.06
C ALA B 243 -11.64 13.04 -1.50
N ALA B 244 -10.36 13.30 -1.71
CA ALA B 244 -9.77 13.19 -3.11
C ALA B 244 -9.91 11.74 -3.60
N GLY B 245 -9.59 10.73 -2.72
CA GLY B 245 -9.76 9.33 -3.14
C GLY B 245 -11.16 9.03 -3.56
N ALA B 246 -12.12 9.53 -2.76
CA ALA B 246 -13.55 9.33 -3.06
C ALA B 246 -13.96 9.98 -4.42
N VAL B 247 -13.45 11.18 -4.67
CA VAL B 247 -13.78 11.90 -5.91
C VAL B 247 -13.22 11.15 -7.08
N ILE B 248 -11.95 10.78 -7.01
CA ILE B 248 -11.34 9.92 -8.03
C ILE B 248 -12.13 8.61 -8.26
N TRP B 249 -12.56 7.96 -7.18
CA TRP B 249 -13.23 6.68 -7.32
C TRP B 249 -14.54 6.86 -8.11
N LYS B 250 -15.34 7.86 -7.73
CA LYS B 250 -16.61 8.12 -8.41
C LYS B 250 -16.40 8.41 -9.90
N LEU B 251 -15.26 8.93 -10.26
CA LEU B 251 -14.95 9.16 -11.71
C LEU B 251 -14.88 7.91 -12.57
N PHE B 252 -14.31 6.82 -12.06
CA PHE B 252 -14.11 5.64 -12.88
C PHE B 252 -14.54 4.30 -12.25
N GLY B 253 -14.66 4.24 -10.95
CA GLY B 253 -14.82 2.93 -10.29
C GLY B 253 -16.22 2.52 -9.90
N GLU B 254 -17.05 3.48 -9.50
CA GLU B 254 -18.33 3.18 -8.85
C GLU B 254 -19.42 2.64 -9.80
N LYS B 255 -19.59 3.24 -10.98
CA LYS B 255 -20.65 2.81 -11.92
C LYS B 255 -20.51 1.39 -12.45
#